data_7R2C
#
_entry.id   7R2C
#
_cell.length_a   76.000
_cell.length_b   84.020
_cell.length_c   88.930
_cell.angle_alpha   90.000
_cell.angle_beta   90.000
_cell.angle_gamma   90.000
#
_symmetry.space_group_name_H-M   'P 21 21 21'
#
loop_
_entity.id
_entity.type
_entity.pdbx_description
1 polymer EGI
2 non-polymer 2-chloranyl-4-nitro-phenol
3 non-polymer beta-D-glucopyranose
4 non-polymer 'SULFATE ION'
5 water water
#
_entity_poly.entity_id   1
_entity_poly.type   'polypeptide(L)'
_entity_poly.pdbx_seq_one_letter_code
;AKVFQWFGSNESGAEFGSQNLPGVEGKDYIWPDPNTIDTLISKGMNIFRVPFMMERLVPNSMTGSPDPNYLADLIATVNA
ITQKGAYAVVDPHNYGRYYNSIISSPSDFQTFWKTVASQFASNPLVIFDTNNEYHDMDQTLVLNLNQAAIDGIRSAGATS
QYIFVEGNSWTGAWTWTNVNDNMKSLTDPSDKIIYEMHQFLDSDGSGTSATCVSSTIGQERITSATQWLRANGKKGIIGE
FAGGANDVCETAITGMLDYMAQNTDVWTGAIWWAAGPWWGDYIFSMEPDNGIAYQQILPILTPYL
;
_entity_poly.pdbx_strand_id   A,B
#
# COMPACT_ATOMS: atom_id res chain seq x y z
N ALA A 1 12.84 30.01 -20.08
N ALA A 1 13.11 26.95 -22.18
CA ALA A 1 13.84 28.94 -19.96
CA ALA A 1 13.89 25.90 -21.51
C ALA A 1 13.21 27.67 -19.40
C ALA A 1 13.29 25.47 -20.17
N LYS A 2 13.44 27.42 -18.11
N LYS A 2 13.52 26.28 -19.14
CA LYS A 2 12.92 26.22 -17.48
CA LYS A 2 12.98 26.04 -17.80
C LYS A 2 11.40 26.25 -17.40
C LYS A 2 11.46 26.16 -17.83
N VAL A 3 10.77 25.07 -17.48
CA VAL A 3 9.32 25.03 -17.50
C VAL A 3 8.76 25.16 -16.08
N PHE A 4 9.40 24.51 -15.12
CA PHE A 4 8.89 24.42 -13.75
C PHE A 4 9.79 25.22 -12.80
N GLN A 5 9.24 25.55 -11.64
CA GLN A 5 10.04 26.13 -10.58
C GLN A 5 11.19 25.21 -10.20
N TRP A 6 10.91 23.90 -10.11
CA TRP A 6 11.88 22.91 -9.65
C TRP A 6 11.80 21.68 -10.54
N PHE A 7 12.97 21.18 -10.95
CA PHE A 7 13.02 19.91 -11.65
C PHE A 7 14.35 19.26 -11.32
N GLY A 8 14.31 18.04 -10.82
CA GLY A 8 15.57 17.41 -10.48
C GLY A 8 15.46 15.96 -10.10
N SER A 9 16.28 15.53 -9.13
CA SER A 9 16.40 14.11 -8.86
C SER A 9 16.57 13.86 -7.37
N ASN A 10 16.03 12.72 -6.92
CA ASN A 10 16.43 12.20 -5.62
C ASN A 10 17.88 11.72 -5.69
N GLU A 11 18.55 11.86 -4.55
CA GLU A 11 19.95 11.46 -4.41
C GLU A 11 19.97 10.51 -3.22
N SER A 12 19.77 9.22 -3.49
CA SER A 12 19.54 8.21 -2.48
CA SER A 12 19.54 8.24 -2.46
C SER A 12 20.84 7.53 -2.10
N GLY A 13 20.91 7.05 -0.86
CA GLY A 13 22.04 6.27 -0.42
C GLY A 13 22.21 6.36 1.09
N ALA A 14 21.97 7.54 1.67
CA ALA A 14 22.16 7.68 3.11
C ALA A 14 21.12 6.93 3.90
N GLU A 15 20.03 6.50 3.26
CA GLU A 15 18.98 5.73 3.90
C GLU A 15 19.07 4.24 3.58
N PHE A 16 20.11 3.82 2.86
CA PHE A 16 20.27 2.42 2.48
C PHE A 16 20.57 1.55 3.70
N GLY A 17 20.39 0.25 3.53
CA GLY A 17 20.66 -0.69 4.62
C GLY A 17 19.94 -0.33 5.90
N SER A 18 18.67 0.05 5.79
CA SER A 18 17.94 0.61 6.92
C SER A 18 17.75 -0.41 8.03
N GLN A 19 17.90 -1.70 7.74
CA GLN A 19 17.87 -2.74 8.77
C GLN A 19 19.03 -2.62 9.76
N ASN A 20 20.08 -1.89 9.41
CA ASN A 20 21.27 -1.79 10.27
C ASN A 20 21.33 -0.38 10.82
N LEU A 21 20.95 -0.23 12.10
CA LEU A 21 21.04 1.05 12.78
C LEU A 21 21.99 0.91 13.97
N PRO A 22 22.95 1.85 14.15
CA PRO A 22 23.16 3.03 13.29
C PRO A 22 23.71 2.70 11.91
N GLY A 23 24.32 1.52 11.77
CA GLY A 23 24.91 1.18 10.50
C GLY A 23 26.25 1.88 10.34
N VAL A 24 27.01 1.49 9.32
CA VAL A 24 28.36 1.97 9.11
C VAL A 24 28.43 2.63 7.75
N GLU A 25 28.84 3.90 7.75
CA GLU A 25 29.02 4.63 6.50
C GLU A 25 30.04 3.91 5.63
N GLY A 26 29.77 3.85 4.34
CA GLY A 26 30.61 3.11 3.41
C GLY A 26 30.36 1.62 3.36
N LYS A 27 29.59 1.07 4.30
CA LYS A 27 29.19 -0.34 4.29
CA LYS A 27 29.19 -0.34 4.29
C LYS A 27 27.69 -0.50 4.14
N ASP A 28 26.90 0.03 5.07
CA ASP A 28 25.45 -0.05 5.01
C ASP A 28 24.83 1.08 4.20
N TYR A 29 25.47 2.25 4.17
CA TYR A 29 24.91 3.40 3.50
C TYR A 29 26.05 4.27 3.00
N ILE A 30 25.70 5.22 2.14
CA ILE A 30 26.67 6.12 1.53
C ILE A 30 25.95 7.42 1.19
N TRP A 31 26.67 8.52 1.22
CA TRP A 31 26.09 9.80 0.85
C TRP A 31 26.30 10.08 -0.64
N PRO A 32 25.48 10.97 -1.20
CA PRO A 32 25.55 11.25 -2.64
C PRO A 32 26.92 11.79 -3.05
N ASP A 33 27.24 11.58 -4.33
CA ASP A 33 28.52 11.99 -4.85
C ASP A 33 28.39 13.43 -5.35
N PRO A 34 29.07 14.40 -4.73
CA PRO A 34 28.93 15.79 -5.18
C PRO A 34 29.30 15.99 -6.64
N ASN A 35 30.20 15.15 -7.18
CA ASN A 35 30.61 15.31 -8.57
CA ASN A 35 30.61 15.29 -8.57
C ASN A 35 29.52 14.88 -9.55
N THR A 36 28.78 13.81 -9.22
CA THR A 36 27.70 13.44 -10.13
C THR A 36 26.50 14.36 -9.97
N ILE A 37 26.29 14.92 -8.78
CA ILE A 37 25.31 15.98 -8.63
C ILE A 37 25.69 17.16 -9.51
N ASP A 38 26.98 17.49 -9.56
CA ASP A 38 27.45 18.58 -10.40
CA ASP A 38 27.45 18.58 -10.41
C ASP A 38 27.08 18.34 -11.86
N THR A 39 27.23 17.10 -12.33
CA THR A 39 26.82 16.77 -13.70
C THR A 39 25.34 17.03 -13.92
N LEU A 40 24.49 16.61 -12.97
CA LEU A 40 23.06 16.82 -13.16
C LEU A 40 22.70 18.30 -13.10
N ILE A 41 23.39 19.08 -12.25
CA ILE A 41 23.21 20.53 -12.25
C ILE A 41 23.58 21.12 -13.61
N SER A 42 24.65 20.61 -14.24
CA SER A 42 25.06 21.12 -15.55
CA SER A 42 25.06 21.12 -15.55
C SER A 42 24.00 20.86 -16.60
N LYS A 43 23.26 19.76 -16.48
CA LYS A 43 22.18 19.45 -17.41
C LYS A 43 20.96 20.32 -17.17
N GLY A 44 20.94 21.09 -16.08
CA GLY A 44 19.83 21.98 -15.79
C GLY A 44 18.94 21.58 -14.62
N MET A 45 19.24 20.50 -13.89
CA MET A 45 18.42 20.22 -12.72
C MET A 45 18.74 21.18 -11.59
N ASN A 46 17.70 21.62 -10.87
CA ASN A 46 17.88 22.64 -9.83
C ASN A 46 17.29 22.22 -8.49
N ILE A 47 17.02 20.94 -8.28
CA ILE A 47 16.53 20.44 -7.00
C ILE A 47 17.01 19.02 -6.80
N PHE A 48 17.50 18.74 -5.60
CA PHE A 48 18.00 17.41 -5.26
C PHE A 48 17.46 17.02 -3.89
N ARG A 49 16.76 15.91 -3.84
CA ARG A 49 16.13 15.46 -2.61
C ARG A 49 17.03 14.40 -1.99
N VAL A 50 17.36 14.60 -0.72
CA VAL A 50 18.37 13.79 -0.04
C VAL A 50 17.71 12.96 1.06
N PRO A 51 17.39 11.69 0.81
CA PRO A 51 16.88 10.84 1.88
C PRO A 51 17.95 10.53 2.92
N PHE A 52 17.51 10.43 4.16
CA PHE A 52 18.34 10.02 5.29
C PHE A 52 17.42 9.39 6.32
N MET A 53 18.00 8.64 7.26
CA MET A 53 17.22 8.01 8.33
CA MET A 53 17.24 8.00 8.33
C MET A 53 17.19 8.89 9.56
N MET A 54 15.98 9.13 10.08
CA MET A 54 15.83 9.85 11.34
C MET A 54 16.71 9.26 12.43
N GLU A 55 16.77 7.93 12.50
CA GLU A 55 17.48 7.25 13.59
C GLU A 55 18.98 7.40 13.46
N ARG A 56 19.47 7.58 12.24
CA ARG A 56 20.89 7.84 12.07
C ARG A 56 21.23 9.29 12.37
N LEU A 57 20.33 10.22 12.07
CA LEU A 57 20.60 11.62 12.34
C LEU A 57 20.38 11.97 13.80
N VAL A 58 19.33 11.43 14.43
CA VAL A 58 19.02 11.68 15.84
C VAL A 58 18.71 10.34 16.46
N PRO A 59 19.72 9.62 16.95
CA PRO A 59 19.49 8.25 17.44
CA PRO A 59 19.50 8.25 17.44
C PRO A 59 18.76 8.18 18.76
N ASN A 60 18.13 7.01 18.97
CA ASN A 60 17.51 6.60 20.23
CA ASN A 60 17.50 6.57 20.20
C ASN A 60 16.22 7.30 20.55
N SER A 61 16.27 8.61 20.75
CA SER A 61 15.09 9.43 20.98
CA SER A 61 15.07 9.42 20.96
CA SER A 61 15.08 9.43 20.97
C SER A 61 15.10 10.58 20.00
N MET A 62 13.97 10.82 19.32
CA MET A 62 14.00 11.89 18.31
C MET A 62 14.06 13.28 18.94
N THR A 63 13.92 13.38 20.27
CA THR A 63 14.08 14.63 20.99
C THR A 63 15.50 14.86 21.44
N GLY A 64 16.42 13.95 21.10
CA GLY A 64 17.78 14.01 21.59
C GLY A 64 18.69 14.81 20.68
N SER A 65 20.00 14.72 20.98
CA SER A 65 20.98 15.44 20.17
C SER A 65 21.29 14.67 18.91
N PRO A 66 21.69 15.37 17.84
CA PRO A 66 22.03 14.68 16.61
CA PRO A 66 22.03 14.69 16.59
C PRO A 66 23.32 13.90 16.75
N ASP A 67 23.48 12.94 15.84
CA ASP A 67 24.74 12.22 15.73
C ASP A 67 25.71 13.09 14.93
N PRO A 68 26.81 13.57 15.51
CA PRO A 68 27.62 14.56 14.78
C PRO A 68 28.17 14.06 13.45
N ASN A 69 28.57 12.79 13.35
CA ASN A 69 29.21 12.34 12.12
C ASN A 69 28.22 12.20 10.98
N TYR A 70 27.02 11.65 11.27
CA TYR A 70 26.02 11.56 10.22
C TYR A 70 25.50 12.95 9.84
N LEU A 71 25.29 13.82 10.84
CA LEU A 71 24.88 15.20 10.57
C LEU A 71 25.91 15.91 9.70
N ALA A 72 27.20 15.71 9.98
CA ALA A 72 28.24 16.36 9.18
C ALA A 72 28.09 16.03 7.70
N ASP A 73 27.82 14.76 7.39
CA ASP A 73 27.68 14.38 5.99
C ASP A 73 26.39 14.90 5.38
N LEU A 74 25.31 14.98 6.18
CA LEU A 74 24.10 15.61 5.67
C LEU A 74 24.38 17.06 5.31
N ILE A 75 25.06 17.78 6.20
CA ILE A 75 25.39 19.18 5.97
C ILE A 75 26.28 19.30 4.74
N ALA A 76 27.30 18.45 4.62
CA ALA A 76 28.17 18.48 3.46
C ALA A 76 27.40 18.25 2.17
N THR A 77 26.51 17.26 2.17
CA THR A 77 25.72 16.97 0.97
C THR A 77 24.83 18.17 0.61
N VAL A 78 24.12 18.72 1.61
CA VAL A 78 23.21 19.84 1.39
C VAL A 78 23.96 21.05 0.90
N ASN A 79 24.99 21.46 1.65
CA ASN A 79 25.60 22.75 1.37
C ASN A 79 26.32 22.73 0.04
N ALA A 80 26.75 21.56 -0.41
CA ALA A 80 27.32 21.48 -1.74
C ALA A 80 26.26 21.70 -2.81
N ILE A 81 25.08 21.08 -2.65
CA ILE A 81 23.98 21.32 -3.58
C ILE A 81 23.67 22.81 -3.65
N THR A 82 23.55 23.44 -2.50
CA THR A 82 23.08 24.82 -2.46
C THR A 82 24.18 25.80 -2.85
N GLN A 83 25.46 25.46 -2.67
CA GLN A 83 26.51 26.36 -3.15
C GLN A 83 26.41 26.62 -4.64
N LYS A 84 25.82 25.69 -5.39
CA LYS A 84 25.62 25.86 -6.83
CA LYS A 84 25.62 25.86 -6.83
C LYS A 84 24.30 26.54 -7.18
N GLY A 85 23.50 26.93 -6.18
CA GLY A 85 22.22 27.56 -6.44
C GLY A 85 21.05 26.60 -6.53
N ALA A 86 21.29 25.30 -6.49
CA ALA A 86 20.20 24.33 -6.49
C ALA A 86 19.62 24.20 -5.09
N TYR A 87 18.37 23.74 -5.04
CA TYR A 87 17.68 23.54 -3.78
C TYR A 87 17.96 22.12 -3.30
N ALA A 88 18.13 21.97 -1.98
CA ALA A 88 18.39 20.67 -1.36
C ALA A 88 17.22 20.34 -0.46
N VAL A 89 16.53 19.23 -0.74
CA VAL A 89 15.42 18.80 0.09
C VAL A 89 15.91 17.82 1.13
N VAL A 90 15.76 18.18 2.40
CA VAL A 90 16.18 17.37 3.53
C VAL A 90 15.02 16.41 3.85
N ASP A 91 15.20 15.13 3.55
CA ASP A 91 14.08 14.19 3.60
C ASP A 91 14.34 13.08 4.63
N PRO A 92 13.70 13.14 5.82
CA PRO A 92 13.75 12.00 6.73
C PRO A 92 12.88 10.94 6.11
N HIS A 93 13.52 9.93 5.53
CA HIS A 93 12.89 8.90 4.71
C HIS A 93 12.31 7.79 5.59
N ASN A 94 11.30 8.17 6.37
CA ASN A 94 10.94 7.36 7.53
C ASN A 94 9.52 6.83 7.56
N TYR A 95 8.67 7.18 6.59
CA TYR A 95 7.36 6.54 6.49
C TYR A 95 6.50 6.78 7.71
N GLY A 96 6.72 7.90 8.39
CA GLY A 96 5.97 8.18 9.60
C GLY A 96 6.31 7.31 10.77
N ARG A 97 7.50 6.69 10.77
CA ARG A 97 7.88 5.70 11.76
C ARG A 97 9.30 5.96 12.20
N TYR A 98 9.55 5.61 13.46
CA TYR A 98 10.87 5.80 14.07
C TYR A 98 11.15 4.50 14.80
N TYR A 99 12.29 3.87 14.49
CA TYR A 99 12.57 2.50 14.92
C TYR A 99 11.38 1.58 14.63
N ASN A 100 10.81 1.77 13.43
CA ASN A 100 9.73 0.94 12.90
CA ASN A 100 9.72 0.98 12.87
C ASN A 100 8.43 1.04 13.68
N SER A 101 8.27 2.06 14.53
CA SER A 101 7.01 2.30 15.25
C SER A 101 6.43 3.63 14.79
N ILE A 102 5.12 3.65 14.57
CA ILE A 102 4.44 4.89 14.18
C ILE A 102 4.82 6.01 15.13
N ILE A 103 5.16 7.17 14.56
CA ILE A 103 5.42 8.36 15.36
C ILE A 103 4.09 8.89 15.87
N SER A 104 3.75 8.54 17.11
CA SER A 104 2.46 8.89 17.68
C SER A 104 2.51 10.15 18.54
N SER A 105 3.69 10.77 18.70
CA SER A 105 3.82 12.00 19.50
C SER A 105 4.15 13.19 18.59
N PRO A 106 3.17 14.02 18.24
CA PRO A 106 3.50 15.22 17.46
C PRO A 106 4.47 16.15 18.19
N SER A 107 4.39 16.22 19.52
CA SER A 107 5.34 17.08 20.23
CA SER A 107 5.33 17.06 20.26
C SER A 107 6.77 16.58 20.09
N ASP A 108 6.99 15.26 20.19
CA ASP A 108 8.35 14.75 19.98
C ASP A 108 8.82 15.05 18.57
N PHE A 109 7.92 14.89 17.59
CA PHE A 109 8.27 15.16 16.21
C PHE A 109 8.59 16.63 16.00
N GLN A 110 7.87 17.51 16.69
CA GLN A 110 8.16 18.94 16.63
C GLN A 110 9.57 19.24 17.12
N THR A 111 9.98 18.62 18.23
CA THR A 111 11.33 18.82 18.75
C THR A 111 12.39 18.32 17.78
N PHE A 112 12.18 17.12 17.23
CA PHE A 112 13.05 16.63 16.16
C PHE A 112 13.18 17.67 15.06
N TRP A 113 12.05 18.26 14.64
CA TRP A 113 12.10 19.20 13.53
C TRP A 113 12.74 20.53 13.90
N LYS A 114 12.56 21.01 15.14
CA LYS A 114 13.33 22.18 15.55
C LYS A 114 14.82 21.90 15.53
N THR A 115 15.21 20.70 15.98
CA THR A 115 16.62 20.31 15.95
C THR A 115 17.17 20.32 14.53
N VAL A 116 16.44 19.70 13.60
CA VAL A 116 16.94 19.66 12.23
C VAL A 116 16.97 21.05 11.61
N ALA A 117 15.87 21.80 11.77
CA ALA A 117 15.79 23.10 11.15
C ALA A 117 16.86 24.04 11.69
N SER A 118 17.23 23.89 12.97
CA SER A 118 18.26 24.75 13.54
CA SER A 118 18.25 24.76 13.53
C SER A 118 19.61 24.57 12.86
N GLN A 119 19.82 23.42 12.20
CA GLN A 119 21.07 23.17 11.49
C GLN A 119 21.08 23.78 10.10
N PHE A 120 19.94 24.28 9.60
CA PHE A 120 19.87 24.79 8.24
C PHE A 120 19.16 26.14 8.15
N ALA A 121 18.92 26.81 9.28
CA ALA A 121 17.96 27.91 9.32
C ALA A 121 18.41 29.11 8.49
N SER A 122 19.71 29.29 8.27
CA SER A 122 20.13 30.44 7.48
C SER A 122 20.37 30.08 6.03
N ASN A 123 19.96 28.88 5.59
CA ASN A 123 20.21 28.50 4.20
C ASN A 123 18.87 28.53 3.46
N PRO A 124 18.60 29.56 2.66
CA PRO A 124 17.28 29.68 2.02
C PRO A 124 17.04 28.69 0.91
N LEU A 125 18.06 27.93 0.50
CA LEU A 125 17.89 26.94 -0.54
C LEU A 125 17.66 25.54 0.01
N VAL A 126 17.60 25.40 1.32
CA VAL A 126 17.16 24.15 1.92
C VAL A 126 15.64 24.09 1.88
N ILE A 127 15.12 22.91 1.56
CA ILE A 127 13.70 22.61 1.66
C ILE A 127 13.52 21.49 2.67
N PHE A 128 12.61 21.67 3.60
CA PHE A 128 12.37 20.67 4.64
C PHE A 128 11.18 19.81 4.24
N ASP A 129 11.36 18.50 4.28
CA ASP A 129 10.33 17.55 3.83
C ASP A 129 9.93 16.79 5.09
N THR A 130 8.66 16.92 5.52
CA THR A 130 8.32 16.49 6.87
C THR A 130 8.64 15.01 7.13
N ASN A 131 8.31 14.15 6.18
CA ASN A 131 8.65 12.73 6.26
C ASN A 131 8.25 12.11 4.94
N ASN A 132 8.99 11.09 4.53
CA ASN A 132 8.69 10.43 3.26
C ASN A 132 7.56 9.42 3.45
N GLU A 133 6.48 9.56 2.69
CA GLU A 133 5.49 8.49 2.48
C GLU A 133 4.89 7.92 3.77
N TYR A 134 4.19 8.77 4.53
CA TYR A 134 3.32 8.26 5.57
C TYR A 134 2.38 7.22 4.98
N HIS A 135 2.06 6.19 5.76
CA HIS A 135 1.19 5.13 5.26
C HIS A 135 0.67 4.30 6.42
N ASP A 136 -0.47 3.66 6.20
CA ASP A 136 -1.04 2.71 7.14
C ASP A 136 -1.02 3.25 8.57
N MET A 137 -1.66 4.41 8.75
CA MET A 137 -1.64 5.07 10.06
C MET A 137 -2.78 6.08 10.10
N ASP A 138 -3.10 6.53 11.31
CA ASP A 138 -4.26 7.39 11.51
C ASP A 138 -4.16 8.68 10.70
N GLN A 139 -5.26 9.05 10.05
CA GLN A 139 -5.26 10.19 9.11
C GLN A 139 -5.13 11.52 9.85
N THR A 140 -5.78 11.67 11.00
CA THR A 140 -5.61 12.89 11.78
C THR A 140 -4.18 13.00 12.28
N LEU A 141 -3.59 11.88 12.69
CA LEU A 141 -2.19 11.89 13.09
C LEU A 141 -1.28 12.40 11.98
N VAL A 142 -1.51 11.96 10.73
CA VAL A 142 -0.68 12.45 9.63
C VAL A 142 -0.78 13.97 9.52
N LEU A 143 -1.99 14.51 9.61
CA LEU A 143 -2.14 15.97 9.59
C LEU A 143 -1.35 16.60 10.73
N ASN A 144 -1.51 16.04 11.92
CA ASN A 144 -0.87 16.61 13.10
C ASN A 144 0.65 16.52 13.05
N LEU A 145 1.20 15.46 12.46
CA LEU A 145 2.64 15.36 12.34
C LEU A 145 3.18 16.40 11.37
N ASN A 146 2.52 16.58 10.25
CA ASN A 146 2.92 17.62 9.31
C ASN A 146 2.87 18.99 9.96
N GLN A 147 1.79 19.28 10.70
CA GLN A 147 1.70 20.57 11.38
C GLN A 147 2.78 20.72 12.45
N ALA A 148 3.05 19.65 13.19
CA ALA A 148 4.11 19.72 14.20
C ALA A 148 5.47 19.98 13.56
N ALA A 149 5.72 19.39 12.39
CA ALA A 149 6.98 19.66 11.69
C ALA A 149 7.10 21.12 11.30
N ILE A 150 6.03 21.67 10.67
CA ILE A 150 6.03 23.08 10.31
C ILE A 150 6.30 23.94 11.53
N ASP A 151 5.59 23.68 12.63
CA ASP A 151 5.73 24.49 13.83
C ASP A 151 7.15 24.44 14.34
N GLY A 152 7.74 23.25 14.38
CA GLY A 152 9.13 23.12 14.84
C GLY A 152 10.08 23.87 13.93
N ILE A 153 9.91 23.71 12.62
CA ILE A 153 10.79 24.38 11.66
C ILE A 153 10.74 25.89 11.84
N ARG A 154 9.53 26.45 11.83
CA ARG A 154 9.42 27.89 11.97
C ARG A 154 9.88 28.37 13.35
N SER A 155 9.68 27.56 14.40
CA SER A 155 10.14 27.97 15.74
C SER A 155 11.65 28.13 15.78
N ALA A 156 12.38 27.46 14.91
CA ALA A 156 13.84 27.56 14.85
C ALA A 156 14.31 28.82 14.12
N GLY A 157 13.39 29.61 13.59
CA GLY A 157 13.75 30.74 12.77
C GLY A 157 14.08 30.40 11.33
N ALA A 158 13.78 29.17 10.89
CA ALA A 158 13.94 28.78 9.50
C ALA A 158 12.64 29.18 8.80
N THR A 159 12.59 30.45 8.38
CA THR A 159 11.36 31.03 7.87
C THR A 159 11.38 31.29 6.37
N SER A 160 12.56 31.25 5.74
CA SER A 160 12.66 31.50 4.31
C SER A 160 12.41 30.26 3.49
N GLN A 161 12.48 29.08 4.11
CA GLN A 161 12.51 27.82 3.39
C GLN A 161 11.12 27.29 3.07
N TYR A 162 11.00 26.66 1.91
CA TYR A 162 9.80 25.90 1.59
C TYR A 162 9.75 24.64 2.46
N ILE A 163 8.54 24.23 2.79
CA ILE A 163 8.29 22.99 3.51
C ILE A 163 7.46 22.11 2.60
N PHE A 164 7.97 20.93 2.30
CA PHE A 164 7.23 19.93 1.56
C PHE A 164 6.49 19.08 2.57
N VAL A 165 5.16 19.10 2.51
CA VAL A 165 4.35 18.24 3.37
C VAL A 165 3.98 17.00 2.57
N GLU A 166 3.78 15.88 3.26
CA GLU A 166 3.42 14.63 2.58
C GLU A 166 2.21 14.01 3.26
N GLY A 167 1.37 13.39 2.45
CA GLY A 167 0.16 12.77 2.93
C GLY A 167 0.31 11.27 3.18
N ASN A 168 -0.80 10.70 3.64
CA ASN A 168 -0.96 9.27 3.85
C ASN A 168 -1.04 8.55 2.50
N SER A 169 -1.21 7.23 2.54
CA SER A 169 -1.21 6.42 1.32
C SER A 169 0.06 6.63 0.50
N TRP A 170 1.20 6.69 1.18
CA TRP A 170 2.50 6.83 0.51
C TRP A 170 2.55 8.12 -0.28
N THR A 171 1.79 9.11 0.19
CA THR A 171 1.63 10.47 -0.42
C THR A 171 1.37 10.34 -1.92
N GLY A 172 0.60 9.32 -2.33
CA GLY A 172 0.34 9.11 -3.74
C GLY A 172 -0.55 10.19 -4.32
N ALA A 173 -0.22 10.63 -5.53
CA ALA A 173 -1.11 11.59 -6.17
C ALA A 173 -2.46 10.95 -6.52
N TRP A 174 -2.45 9.71 -6.98
CA TRP A 174 -3.67 9.07 -7.48
C TRP A 174 -4.71 8.82 -6.40
N THR A 175 -4.31 8.70 -5.14
CA THR A 175 -5.23 8.49 -4.04
C THR A 175 -5.41 9.73 -3.20
N TRP A 176 -4.84 10.86 -3.64
CA TRP A 176 -4.79 12.05 -2.79
C TRP A 176 -6.18 12.52 -2.38
N THR A 177 -7.07 12.71 -3.36
CA THR A 177 -8.34 13.35 -3.07
CA THR A 177 -8.34 13.37 -3.05
C THR A 177 -9.20 12.52 -2.12
N ASN A 178 -9.16 11.19 -2.24
CA ASN A 178 -10.01 10.38 -1.39
C ASN A 178 -9.42 10.11 -0.01
N VAL A 179 -8.10 10.25 0.14
CA VAL A 179 -7.44 9.91 1.39
C VAL A 179 -7.02 11.15 2.17
N ASN A 180 -6.46 12.16 1.49
CA ASN A 180 -5.73 13.23 2.17
C ASN A 180 -6.43 14.59 2.18
N ASP A 181 -7.75 14.61 2.02
CA ASP A 181 -8.44 15.89 2.05
C ASP A 181 -8.11 16.72 3.29
N ASN A 182 -7.98 16.07 4.46
CA ASN A 182 -7.77 16.84 5.69
C ASN A 182 -6.48 17.65 5.66
N MET A 183 -5.56 17.34 4.76
CA MET A 183 -4.30 18.09 4.62
C MET A 183 -4.51 19.51 4.13
N LYS A 184 -5.72 19.84 3.62
CA LYS A 184 -6.02 21.23 3.26
C LYS A 184 -5.81 22.21 4.40
N SER A 185 -5.91 21.76 5.65
CA SER A 185 -5.97 22.69 6.77
CA SER A 185 -5.97 22.64 6.80
C SER A 185 -4.60 23.00 7.37
N LEU A 186 -3.52 22.46 6.81
CA LEU A 186 -2.19 22.80 7.32
C LEU A 186 -1.95 24.30 7.19
N THR A 187 -1.23 24.86 8.16
CA THR A 187 -0.97 26.28 8.24
C THR A 187 0.53 26.54 8.34
N ASP A 188 0.98 27.67 7.79
CA ASP A 188 2.41 28.04 7.82
C ASP A 188 2.50 29.55 7.80
N PRO A 189 3.06 30.16 8.83
CA PRO A 189 3.18 31.63 8.82
C PRO A 189 4.01 32.15 7.67
N SER A 190 4.92 31.35 7.11
CA SER A 190 5.68 31.79 5.95
C SER A 190 4.94 31.62 4.63
N ASP A 191 3.78 30.95 4.63
CA ASP A 191 3.01 30.71 3.41
CA ASP A 191 3.02 30.72 3.41
C ASP A 191 3.86 30.00 2.36
N LYS A 192 4.62 28.98 2.79
CA LYS A 192 5.52 28.27 1.89
CA LYS A 192 5.51 28.26 1.88
C LYS A 192 5.32 26.76 1.96
N ILE A 193 4.08 26.30 2.17
CA ILE A 193 3.79 24.87 2.10
C ILE A 193 3.67 24.45 0.65
N ILE A 194 4.36 23.37 0.30
CA ILE A 194 4.18 22.68 -0.98
C ILE A 194 3.71 21.27 -0.68
N TYR A 195 2.62 20.85 -1.35
CA TYR A 195 2.10 19.51 -1.14
C TYR A 195 2.86 18.54 -2.02
N GLU A 196 3.73 17.73 -1.41
CA GLU A 196 4.54 16.78 -2.15
C GLU A 196 3.82 15.45 -2.31
N MET A 197 3.58 15.10 -3.57
CA MET A 197 2.92 13.82 -3.89
C MET A 197 3.89 12.99 -4.74
N HIS A 198 3.77 11.68 -4.65
CA HIS A 198 4.59 10.76 -5.41
C HIS A 198 3.69 10.05 -6.41
N GLN A 199 4.25 9.67 -7.55
CA GLN A 199 3.46 8.93 -8.52
C GLN A 199 4.38 8.00 -9.31
N PHE A 200 4.16 6.71 -9.12
CA PHE A 200 4.75 5.70 -9.98
C PHE A 200 3.71 5.21 -10.97
N LEU A 201 4.21 4.51 -12.00
CA LEU A 201 3.45 4.28 -13.22
C LEU A 201 3.27 2.81 -13.53
N ASP A 202 3.71 1.92 -12.64
CA ASP A 202 3.45 0.50 -12.84
C ASP A 202 2.07 0.13 -12.33
N SER A 203 1.69 -1.13 -12.51
CA SER A 203 0.32 -1.56 -12.28
C SER A 203 -0.19 -1.13 -10.91
N ASP A 204 0.58 -1.39 -9.87
CA ASP A 204 0.11 -1.14 -8.51
C ASP A 204 0.57 0.20 -7.96
N GLY A 205 1.35 0.95 -8.73
CA GLY A 205 1.84 2.23 -8.24
C GLY A 205 2.94 2.13 -7.21
N SER A 206 3.56 0.95 -7.08
CA SER A 206 4.62 0.78 -6.11
C SER A 206 5.98 1.20 -6.65
N GLY A 207 6.10 1.41 -7.95
CA GLY A 207 7.40 1.74 -8.52
C GLY A 207 8.40 0.62 -8.38
N THR A 208 7.96 -0.62 -8.51
CA THR A 208 8.86 -1.76 -8.44
C THR A 208 9.03 -2.48 -9.76
N SER A 209 8.19 -2.21 -10.75
CA SER A 209 8.32 -2.80 -12.08
C SER A 209 8.73 -1.70 -13.05
N ALA A 210 9.58 -2.06 -14.02
CA ALA A 210 9.94 -1.15 -15.09
C ALA A 210 8.84 -1.01 -16.13
N THR A 211 7.78 -1.80 -16.05
CA THR A 211 6.68 -1.76 -17.01
C THR A 211 5.63 -0.76 -16.55
N CYS A 212 5.21 0.14 -17.44
CA CYS A 212 4.12 1.08 -17.13
C CYS A 212 2.79 0.59 -17.68
N VAL A 213 1.71 0.97 -17.00
CA VAL A 213 0.37 0.50 -17.37
C VAL A 213 0.03 0.91 -18.80
N SER A 214 0.31 2.16 -19.17
CA SER A 214 -0.07 2.67 -20.47
C SER A 214 0.71 3.94 -20.73
N SER A 215 0.62 4.43 -21.95
CA SER A 215 1.32 5.64 -22.35
CA SER A 215 1.33 5.64 -22.34
C SER A 215 0.68 6.91 -21.81
N THR A 216 -0.43 6.80 -21.09
CA THR A 216 -1.10 7.97 -20.54
C THR A 216 -1.31 7.87 -19.04
N ILE A 217 -0.74 6.85 -18.38
CA ILE A 217 -1.07 6.55 -16.99
C ILE A 217 -0.61 7.66 -16.04
N GLY A 218 0.46 8.37 -16.38
CA GLY A 218 0.93 9.42 -15.48
C GLY A 218 -0.05 10.58 -15.40
N GLN A 219 -0.44 11.11 -16.57
CA GLN A 219 -1.46 12.15 -16.61
C GLN A 219 -2.74 11.66 -15.92
N GLU A 220 -3.16 10.42 -16.20
CA GLU A 220 -4.39 9.93 -15.62
C GLU A 220 -4.34 9.96 -14.10
N ARG A 221 -3.21 9.53 -13.53
CA ARG A 221 -3.09 9.34 -12.10
C ARG A 221 -2.87 10.63 -11.32
N ILE A 222 -2.51 11.73 -11.99
CA ILE A 222 -2.33 12.99 -11.27
C ILE A 222 -3.44 13.99 -11.55
N THR A 223 -4.44 13.65 -12.37
CA THR A 223 -5.44 14.64 -12.75
C THR A 223 -6.29 15.09 -11.57
N SER A 224 -6.83 14.13 -10.80
CA SER A 224 -7.67 14.50 -9.67
CA SER A 224 -7.67 14.52 -9.69
CA SER A 224 -7.66 14.48 -9.65
C SER A 224 -6.90 15.32 -8.65
N ALA A 225 -5.64 14.95 -8.39
CA ALA A 225 -4.84 15.72 -7.45
C ALA A 225 -4.66 17.15 -7.94
N THR A 226 -4.45 17.32 -9.24
CA THR A 226 -4.31 18.65 -9.83
C THR A 226 -5.55 19.48 -9.53
N GLN A 227 -6.74 18.90 -9.71
N GLN A 227 -6.73 18.89 -9.73
CA GLN A 227 -7.96 19.65 -9.43
CA GLN A 227 -7.99 19.57 -9.42
C GLN A 227 -8.13 19.94 -7.94
C GLN A 227 -8.07 19.95 -7.96
N TRP A 228 -7.67 19.04 -7.06
CA TRP A 228 -7.76 19.30 -5.62
C TRP A 228 -6.87 20.47 -5.23
N LEU A 229 -5.64 20.49 -5.76
CA LEU A 229 -4.74 21.60 -5.47
C LEU A 229 -5.34 22.92 -5.93
N ARG A 230 -5.87 22.97 -7.16
CA ARG A 230 -6.39 24.25 -7.65
C ARG A 230 -7.61 24.68 -6.85
N ALA A 231 -8.54 23.76 -6.64
CA ALA A 231 -9.78 24.11 -5.94
C ALA A 231 -9.50 24.55 -4.52
N ASN A 232 -8.47 23.99 -3.89
CA ASN A 232 -8.14 24.31 -2.52
C ASN A 232 -7.06 25.39 -2.40
N GLY A 233 -6.64 25.98 -3.51
CA GLY A 233 -5.69 27.08 -3.45
C GLY A 233 -4.31 26.70 -2.94
N LYS A 234 -3.86 25.50 -3.27
CA LYS A 234 -2.59 24.95 -2.81
C LYS A 234 -1.63 24.80 -3.98
N LYS A 235 -0.36 24.58 -3.64
CA LYS A 235 0.67 24.27 -4.62
C LYS A 235 1.23 22.89 -4.32
N GLY A 236 1.65 22.19 -5.38
CA GLY A 236 2.14 20.83 -5.25
C GLY A 236 3.48 20.65 -5.95
N ILE A 237 4.10 19.52 -5.63
CA ILE A 237 5.28 19.05 -6.34
C ILE A 237 5.18 17.53 -6.42
N ILE A 238 5.65 16.96 -7.52
CA ILE A 238 5.84 15.52 -7.61
C ILE A 238 7.24 15.22 -7.07
N GLY A 239 7.31 14.71 -5.85
CA GLY A 239 8.60 14.51 -5.20
C GLY A 239 9.31 13.21 -5.55
N GLU A 240 8.59 12.23 -6.09
CA GLU A 240 9.18 11.01 -6.62
C GLU A 240 8.29 10.59 -7.79
N PHE A 241 8.92 10.26 -8.91
CA PHE A 241 8.25 9.57 -10.01
C PHE A 241 9.31 8.83 -10.80
N ALA A 242 8.89 7.82 -11.54
CA ALA A 242 9.83 7.06 -12.34
C ALA A 242 9.04 6.19 -13.30
N GLY A 243 9.71 5.76 -14.37
CA GLY A 243 9.20 4.73 -15.24
C GLY A 243 10.39 4.06 -15.89
N GLY A 244 10.17 2.86 -16.40
CA GLY A 244 11.26 2.12 -17.03
C GLY A 244 11.72 2.74 -18.34
N ALA A 245 12.91 2.33 -18.78
CA ALA A 245 13.51 2.81 -20.03
C ALA A 245 12.92 2.04 -21.21
N ASN A 246 11.67 2.36 -21.51
CA ASN A 246 10.94 1.71 -22.58
C ASN A 246 9.91 2.69 -23.12
N ASP A 247 9.36 2.36 -24.30
CA ASP A 247 8.54 3.32 -25.04
C ASP A 247 7.30 3.73 -24.27
N VAL A 248 6.55 2.75 -23.74
CA VAL A 248 5.30 3.05 -23.06
C VAL A 248 5.56 3.98 -21.89
N CYS A 249 6.56 3.65 -21.06
CA CYS A 249 6.88 4.50 -19.91
C CYS A 249 7.39 5.87 -20.34
N GLU A 250 8.25 5.91 -21.36
CA GLU A 250 8.76 7.20 -21.82
C GLU A 250 7.63 8.09 -22.31
N THR A 251 6.66 7.51 -23.03
CA THR A 251 5.50 8.28 -23.45
C THR A 251 4.65 8.72 -22.25
N ALA A 252 4.49 7.84 -21.25
CA ALA A 252 3.75 8.22 -20.05
C ALA A 252 4.44 9.36 -19.31
N ILE A 253 5.76 9.28 -19.22
CA ILE A 253 6.52 10.33 -18.53
C ILE A 253 6.35 11.65 -19.24
N THR A 254 6.57 11.67 -20.57
CA THR A 254 6.36 12.88 -21.34
C THR A 254 4.94 13.41 -21.20
N GLY A 255 3.95 12.53 -21.32
CA GLY A 255 2.57 12.98 -21.18
C GLY A 255 2.26 13.55 -19.82
N MET A 256 2.73 12.90 -18.76
CA MET A 256 2.58 13.46 -17.41
C MET A 256 3.19 14.83 -17.29
N LEU A 257 4.46 14.96 -17.68
CA LEU A 257 5.14 16.24 -17.52
C LEU A 257 4.51 17.31 -18.40
N ASP A 258 4.07 16.94 -19.60
CA ASP A 258 3.39 17.92 -20.45
C ASP A 258 2.10 18.39 -19.82
N TYR A 259 1.33 17.46 -19.25
CA TYR A 259 0.13 17.85 -18.52
C TYR A 259 0.47 18.78 -17.37
N MET A 260 1.55 18.48 -16.67
CA MET A 260 1.92 19.27 -15.51
C MET A 260 2.34 20.68 -15.95
N ALA A 261 3.02 20.78 -17.11
CA ALA A 261 3.40 22.05 -17.70
C ALA A 261 2.21 22.91 -18.08
N GLN A 262 1.05 22.31 -18.30
CA GLN A 262 -0.17 23.04 -18.57
CA GLN A 262 -0.21 23.01 -18.56
C GLN A 262 -0.90 23.46 -17.30
N ASN A 263 -0.36 23.12 -16.15
CA ASN A 263 -0.96 23.32 -14.85
C ASN A 263 0.06 23.82 -13.85
N THR A 264 0.95 24.71 -14.30
CA THR A 264 1.96 25.24 -13.41
C THR A 264 1.39 26.21 -12.39
N ASP A 265 0.11 26.60 -12.50
CA ASP A 265 -0.48 27.38 -11.43
C ASP A 265 -0.51 26.56 -10.13
N VAL A 266 -0.53 25.24 -10.24
CA VAL A 266 -0.47 24.39 -9.06
C VAL A 266 0.78 23.51 -8.98
N TRP A 267 1.33 23.07 -10.12
CA TRP A 267 2.51 22.17 -10.09
C TRP A 267 3.79 22.98 -10.15
N THR A 268 4.59 22.88 -9.08
CA THR A 268 5.87 23.55 -9.01
C THR A 268 7.00 22.74 -9.63
N GLY A 269 6.75 21.48 -9.99
CA GLY A 269 7.75 20.69 -10.69
C GLY A 269 7.74 19.24 -10.26
N ALA A 270 8.88 18.59 -10.47
CA ALA A 270 8.96 17.13 -10.40
C ALA A 270 10.37 16.70 -10.05
N ILE A 271 10.46 15.58 -9.34
CA ILE A 271 11.74 15.06 -8.87
C ILE A 271 11.79 13.57 -9.17
N TRP A 272 12.75 13.15 -10.00
CA TRP A 272 12.88 11.77 -10.41
C TRP A 272 13.38 10.92 -9.26
N TRP A 273 12.89 9.68 -9.16
CA TRP A 273 13.46 8.67 -8.27
C TRP A 273 14.15 7.62 -9.13
N ALA A 274 15.48 7.48 -9.03
CA ALA A 274 16.39 8.20 -8.14
C ALA A 274 17.80 8.11 -8.75
N ALA A 275 18.63 9.06 -8.38
CA ALA A 275 20.06 8.96 -8.56
C ALA A 275 20.68 8.56 -7.22
N GLY A 276 22.00 8.47 -7.20
CA GLY A 276 22.72 8.03 -6.02
C GLY A 276 23.78 7.05 -6.44
N PRO A 277 24.80 6.83 -5.61
CA PRO A 277 25.97 6.06 -6.06
C PRO A 277 25.91 4.55 -5.88
N TRP A 278 24.90 3.99 -5.24
CA TRP A 278 24.83 2.55 -4.96
C TRP A 278 23.65 1.87 -5.62
N TRP A 279 23.18 2.41 -6.73
CA TRP A 279 22.04 1.84 -7.43
C TRP A 279 22.43 0.74 -8.42
N GLY A 280 23.66 0.74 -8.92
CA GLY A 280 24.05 -0.30 -9.87
C GLY A 280 23.11 -0.35 -11.05
N ASP A 281 22.58 -1.54 -11.33
CA ASP A 281 21.71 -1.72 -12.48
CA ASP A 281 21.70 -1.82 -12.45
C ASP A 281 20.23 -1.48 -12.17
N TYR A 282 19.94 -0.67 -11.16
CA TYR A 282 18.57 -0.29 -10.83
C TYR A 282 17.82 0.20 -12.05
N ILE A 283 16.58 -0.27 -12.18
CA ILE A 283 15.71 0.04 -13.32
C ILE A 283 15.44 1.52 -13.46
N PHE A 284 15.59 2.32 -12.40
CA PHE A 284 15.30 3.75 -12.49
C PHE A 284 16.53 4.62 -12.22
N SER A 285 17.74 4.06 -12.34
CA SER A 285 18.90 4.82 -11.90
C SER A 285 19.18 6.02 -12.78
N MET A 286 19.16 7.20 -12.17
CA MET A 286 19.52 8.47 -12.77
C MET A 286 20.97 8.85 -12.53
N GLU A 287 21.77 7.94 -11.98
CA GLU A 287 23.14 8.30 -11.64
C GLU A 287 24.04 8.37 -12.87
N PRO A 288 24.64 9.51 -13.18
CA PRO A 288 25.63 9.53 -14.26
CA PRO A 288 25.64 9.57 -14.25
C PRO A 288 26.80 8.64 -13.92
N ASP A 289 27.44 8.08 -14.95
CA ASP A 289 27.09 8.25 -16.35
C ASP A 289 26.33 7.05 -16.91
N ASN A 290 26.17 5.98 -16.14
CA ASN A 290 25.67 4.71 -16.68
C ASN A 290 24.31 4.28 -16.18
N GLY A 291 23.68 5.01 -15.26
CA GLY A 291 22.33 4.63 -14.86
C GLY A 291 21.41 4.58 -16.06
N ILE A 292 20.56 3.55 -16.10
CA ILE A 292 19.70 3.36 -17.27
C ILE A 292 18.81 4.57 -17.50
N ALA A 293 18.30 5.17 -16.42
CA ALA A 293 17.49 6.36 -16.58
C ALA A 293 18.33 7.56 -17.01
N TYR A 294 19.56 7.67 -16.53
CA TYR A 294 20.44 8.71 -17.03
C TYR A 294 20.69 8.54 -18.54
N GLN A 295 20.79 7.28 -18.99
CA GLN A 295 21.09 7.04 -20.40
C GLN A 295 19.88 7.22 -21.31
N GLN A 296 18.69 6.84 -20.85
CA GLN A 296 17.56 6.72 -21.74
C GLN A 296 16.37 7.59 -21.36
N ILE A 297 16.26 8.03 -20.11
CA ILE A 297 15.18 8.89 -19.68
C ILE A 297 15.60 10.36 -19.68
N LEU A 298 16.82 10.69 -19.26
CA LEU A 298 17.23 12.09 -19.27
C LEU A 298 17.01 12.80 -20.59
N PRO A 299 17.26 12.20 -21.77
CA PRO A 299 16.96 12.91 -23.03
C PRO A 299 15.50 13.34 -23.18
N ILE A 300 14.55 12.68 -22.50
CA ILE A 300 13.16 13.15 -22.54
C ILE A 300 12.84 14.10 -21.40
N LEU A 301 13.75 14.30 -20.46
CA LEU A 301 13.53 15.28 -19.41
C LEU A 301 14.13 16.63 -19.76
N THR A 302 15.21 16.64 -20.54
CA THR A 302 15.86 17.90 -20.88
C THR A 302 14.95 18.96 -21.52
N PRO A 303 13.90 18.61 -22.26
CA PRO A 303 13.00 19.65 -22.78
C PRO A 303 12.39 20.53 -21.70
N TYR A 304 12.34 20.09 -20.45
CA TYR A 304 11.75 20.90 -19.38
C TYR A 304 12.79 21.70 -18.61
N LEU A 305 14.07 21.49 -18.88
CA LEU A 305 15.15 22.09 -18.09
C LEU A 305 15.69 23.37 -18.72
N ALA B 1 -7.68 -33.39 15.39
CA ALA B 1 -9.09 -33.03 15.40
C ALA B 1 -9.29 -31.62 14.83
N LYS B 2 -10.55 -31.22 14.68
CA LYS B 2 -10.89 -29.92 14.11
CA LYS B 2 -10.88 -29.91 14.11
C LYS B 2 -10.81 -28.85 15.18
N VAL B 3 -9.90 -27.89 15.01
CA VAL B 3 -9.60 -26.89 16.02
C VAL B 3 -10.42 -25.62 15.85
N PHE B 4 -10.67 -25.22 14.60
CA PHE B 4 -11.31 -23.95 14.28
C PHE B 4 -12.69 -24.17 13.72
N GLN B 5 -13.51 -23.14 13.83
CA GLN B 5 -14.81 -23.15 13.16
C GLN B 5 -14.63 -23.37 11.66
N TRP B 6 -13.68 -22.68 11.05
CA TRP B 6 -13.44 -22.71 9.63
C TRP B 6 -11.95 -22.86 9.35
N PHE B 7 -11.60 -23.73 8.42
CA PHE B 7 -10.22 -23.79 7.99
C PHE B 7 -10.22 -24.27 6.57
N GLY B 8 -9.60 -23.51 5.68
CA GLY B 8 -9.67 -23.90 4.29
C GLY B 8 -8.76 -23.09 3.40
N SER B 9 -9.22 -22.84 2.19
CA SER B 9 -8.34 -22.29 1.18
C SER B 9 -9.12 -21.38 0.22
N ASN B 10 -8.42 -20.38 -0.27
CA ASN B 10 -8.92 -19.60 -1.39
C ASN B 10 -8.88 -20.45 -2.65
N GLU B 11 -9.85 -20.22 -3.54
CA GLU B 11 -9.97 -20.95 -4.81
C GLU B 11 -9.97 -19.86 -5.87
N SER B 12 -8.77 -19.47 -6.29
CA SER B 12 -8.56 -18.32 -7.14
CA SER B 12 -8.59 -18.32 -7.14
C SER B 12 -8.57 -18.71 -8.61
N GLY B 13 -9.01 -17.79 -9.45
CA GLY B 13 -9.00 -17.99 -10.88
C GLY B 13 -10.01 -17.13 -11.59
N ALA B 14 -11.19 -16.94 -11.00
CA ALA B 14 -12.23 -16.19 -11.69
C ALA B 14 -11.93 -14.70 -11.74
N GLU B 15 -10.97 -14.25 -10.93
CA GLU B 15 -10.54 -12.87 -10.92
C GLU B 15 -9.24 -12.68 -11.68
N PHE B 16 -8.76 -13.72 -12.36
CA PHE B 16 -7.50 -13.61 -13.09
C PHE B 16 -7.65 -12.70 -14.30
N GLY B 17 -6.51 -12.22 -14.78
CA GLY B 17 -6.49 -11.39 -15.98
C GLY B 17 -7.36 -10.17 -15.85
N SER B 18 -7.28 -9.48 -14.70
CA SER B 18 -8.23 -8.43 -14.35
C SER B 18 -8.18 -7.23 -15.28
N GLN B 19 -7.12 -7.08 -16.06
CA GLN B 19 -7.05 -5.96 -16.98
CA GLN B 19 -7.05 -5.96 -16.99
C GLN B 19 -7.94 -6.15 -18.21
N ASN B 20 -8.40 -7.37 -18.48
CA ASN B 20 -9.28 -7.66 -19.60
C ASN B 20 -10.71 -7.77 -19.09
N LEU B 21 -11.52 -6.76 -19.38
CA LEU B 21 -12.93 -6.76 -19.06
C LEU B 21 -13.74 -6.62 -20.34
N PRO B 22 -14.76 -7.46 -20.58
CA PRO B 22 -15.21 -8.54 -19.68
C PRO B 22 -14.21 -9.68 -19.54
N GLY B 23 -13.30 -9.80 -20.51
CA GLY B 23 -12.45 -10.96 -20.58
C GLY B 23 -13.22 -12.19 -21.02
N VAL B 24 -12.48 -13.27 -21.27
CA VAL B 24 -13.03 -14.47 -21.87
C VAL B 24 -12.74 -15.66 -20.97
N GLU B 25 -13.80 -16.36 -20.57
CA GLU B 25 -13.63 -17.56 -19.76
C GLU B 25 -12.83 -18.60 -20.52
N GLY B 26 -11.87 -19.21 -19.83
CA GLY B 26 -10.95 -20.14 -20.43
C GLY B 26 -9.70 -19.53 -21.02
N LYS B 27 -9.72 -18.21 -21.26
CA LYS B 27 -8.56 -17.49 -21.74
CA LYS B 27 -8.55 -17.48 -21.75
C LYS B 27 -7.98 -16.56 -20.67
N ASP B 28 -8.79 -15.64 -20.17
CA ASP B 28 -8.35 -14.68 -19.17
C ASP B 28 -8.61 -15.15 -17.74
N TYR B 29 -9.64 -15.96 -17.53
CA TYR B 29 -9.99 -16.40 -16.19
C TYR B 29 -10.58 -17.80 -16.25
N ILE B 30 -10.67 -18.44 -15.08
CA ILE B 30 -11.21 -19.79 -14.99
C ILE B 30 -11.82 -19.97 -13.60
N TRP B 31 -12.82 -20.82 -13.51
CA TRP B 31 -13.43 -21.07 -12.22
C TRP B 31 -12.81 -22.30 -11.56
N PRO B 32 -12.95 -22.44 -10.25
CA PRO B 32 -12.30 -23.54 -9.54
C PRO B 32 -12.77 -24.90 -10.03
N ASP B 33 -11.91 -25.90 -9.80
CA ASP B 33 -12.18 -27.27 -10.19
C ASP B 33 -12.84 -28.00 -9.03
N PRO B 34 -14.10 -28.43 -9.16
CA PRO B 34 -14.76 -29.13 -8.04
C PRO B 34 -14.04 -30.39 -7.61
N ASN B 35 -13.32 -31.06 -8.51
CA ASN B 35 -12.64 -32.29 -8.12
CA ASN B 35 -12.64 -32.29 -8.12
C ASN B 35 -11.49 -32.03 -7.16
N THR B 36 -10.76 -30.94 -7.37
CA THR B 36 -9.66 -30.65 -6.44
C THR B 36 -10.16 -30.03 -5.14
N ILE B 37 -11.27 -29.30 -5.21
CA ILE B 37 -11.94 -28.89 -3.98
C ILE B 37 -12.33 -30.12 -3.16
N ASP B 38 -12.86 -31.16 -3.82
CA ASP B 38 -13.19 -32.39 -3.13
C ASP B 38 -11.98 -32.99 -2.44
N THR B 39 -10.83 -33.00 -3.11
CA THR B 39 -9.60 -33.46 -2.45
C THR B 39 -9.31 -32.65 -1.19
N LEU B 40 -9.43 -31.31 -1.26
CA LEU B 40 -9.13 -30.50 -0.09
C LEU B 40 -10.16 -30.74 1.02
N ILE B 41 -11.42 -30.96 0.66
CA ILE B 41 -12.41 -31.36 1.65
C ILE B 41 -12.00 -32.68 2.31
N SER B 42 -11.49 -33.62 1.52
CA SER B 42 -11.07 -34.90 2.09
CA SER B 42 -11.07 -34.90 2.09
C SER B 42 -9.91 -34.73 3.07
N LYS B 43 -9.10 -33.68 2.90
CA LYS B 43 -8.01 -33.37 3.82
CA LYS B 43 -8.01 -33.37 3.82
C LYS B 43 -8.51 -32.73 5.11
N GLY B 44 -9.78 -32.31 5.16
CA GLY B 44 -10.35 -31.73 6.35
C GLY B 44 -10.69 -30.27 6.23
N MET B 45 -10.49 -29.64 5.07
CA MET B 45 -10.91 -28.26 5.00
C MET B 45 -12.41 -28.11 4.79
N ASN B 46 -12.98 -27.07 5.40
CA ASN B 46 -14.42 -26.86 5.36
C ASN B 46 -14.84 -25.47 4.91
N ILE B 47 -13.93 -24.67 4.34
CA ILE B 47 -14.29 -23.36 3.81
C ILE B 47 -13.48 -23.09 2.56
N PHE B 48 -14.12 -22.52 1.55
CA PHE B 48 -13.46 -22.17 0.30
C PHE B 48 -13.90 -20.79 -0.13
N ARG B 49 -12.93 -19.89 -0.29
CA ARG B 49 -13.20 -18.52 -0.65
C ARG B 49 -13.00 -18.35 -2.14
N VAL B 50 -13.98 -17.75 -2.81
CA VAL B 50 -14.05 -17.73 -4.26
C VAL B 50 -13.98 -16.28 -4.72
N PRO B 51 -12.78 -15.80 -5.09
CA PRO B 51 -12.69 -14.48 -5.69
C PRO B 51 -13.35 -14.42 -7.05
N PHE B 52 -13.92 -13.26 -7.35
CA PHE B 52 -14.51 -12.94 -8.64
C PHE B 52 -14.47 -11.43 -8.79
N MET B 53 -14.63 -10.95 -10.02
CA MET B 53 -14.61 -9.51 -10.29
CA MET B 53 -14.61 -9.52 -10.32
C MET B 53 -16.02 -8.95 -10.33
N MET B 54 -16.26 -7.90 -9.54
CA MET B 54 -17.56 -7.22 -9.61
C MET B 54 -17.94 -6.86 -11.05
N GLU B 55 -16.96 -6.39 -11.83
CA GLU B 55 -17.23 -5.93 -13.20
C GLU B 55 -17.63 -7.09 -14.10
N ARG B 56 -17.13 -8.30 -13.82
CA ARG B 56 -17.54 -9.45 -14.61
C ARG B 56 -18.90 -9.98 -14.17
N LEU B 57 -19.22 -9.90 -12.87
CA LEU B 57 -20.53 -10.36 -12.41
C LEU B 57 -21.63 -9.39 -12.77
N VAL B 58 -21.40 -8.09 -12.58
CA VAL B 58 -22.37 -7.04 -12.87
C VAL B 58 -21.66 -5.95 -13.67
N PRO B 59 -21.66 -6.03 -14.99
CA PRO B 59 -20.88 -5.09 -15.80
C PRO B 59 -21.50 -3.71 -15.91
N ASN B 60 -20.62 -2.73 -16.19
CA ASN B 60 -20.94 -1.35 -16.54
C ASN B 60 -21.44 -0.48 -15.39
N SER B 61 -22.45 -0.97 -14.69
CA SER B 61 -22.96 -0.28 -13.51
C SER B 61 -23.25 -1.34 -12.46
N MET B 62 -22.75 -1.13 -11.25
CA MET B 62 -22.95 -2.09 -10.17
C MET B 62 -24.40 -2.19 -9.73
N THR B 63 -25.25 -1.26 -10.14
CA THR B 63 -26.69 -1.35 -9.87
C THR B 63 -27.45 -2.08 -10.97
N GLY B 64 -26.75 -2.57 -12.00
CA GLY B 64 -27.38 -3.19 -13.15
C GLY B 64 -27.62 -4.67 -12.97
N SER B 65 -28.00 -5.31 -14.07
CA SER B 65 -28.27 -6.74 -14.05
C SER B 65 -26.97 -7.52 -14.15
N PRO B 66 -26.92 -8.72 -13.59
CA PRO B 66 -25.71 -9.52 -13.72
CA PRO B 66 -25.73 -9.56 -13.72
C PRO B 66 -25.52 -10.02 -15.15
N ASP B 67 -24.29 -10.41 -15.43
CA ASP B 67 -24.02 -11.13 -16.66
C ASP B 67 -24.41 -12.58 -16.41
N PRO B 68 -25.39 -13.13 -17.15
CA PRO B 68 -25.84 -14.49 -16.84
CA PRO B 68 -25.84 -14.49 -16.85
C PRO B 68 -24.74 -15.54 -16.90
N ASN B 69 -23.79 -15.38 -17.82
CA ASN B 69 -22.73 -16.35 -18.04
C ASN B 69 -21.86 -16.48 -16.78
N TYR B 70 -21.32 -15.35 -16.33
CA TYR B 70 -20.41 -15.35 -15.19
C TYR B 70 -21.16 -15.70 -13.90
N LEU B 71 -22.40 -15.22 -13.77
CA LEU B 71 -23.21 -15.56 -12.60
C LEU B 71 -23.51 -17.05 -12.56
N ALA B 72 -23.86 -17.66 -13.70
CA ALA B 72 -24.12 -19.10 -13.70
C ALA B 72 -22.93 -19.89 -13.18
N ASP B 73 -21.70 -19.46 -13.52
CA ASP B 73 -20.51 -20.19 -13.06
C ASP B 73 -20.20 -19.93 -11.59
N LEU B 74 -20.47 -18.71 -11.11
CA LEU B 74 -20.39 -18.45 -9.68
C LEU B 74 -21.37 -19.34 -8.93
N ILE B 75 -22.62 -19.44 -9.43
CA ILE B 75 -23.63 -20.29 -8.82
C ILE B 75 -23.14 -21.75 -8.78
N ALA B 76 -22.60 -22.22 -9.90
CA ALA B 76 -22.15 -23.61 -9.96
C ALA B 76 -21.01 -23.88 -8.99
N THR B 77 -20.09 -22.92 -8.85
CA THR B 77 -18.96 -23.08 -7.94
C THR B 77 -19.42 -23.10 -6.50
N VAL B 78 -20.31 -22.18 -6.14
CA VAL B 78 -20.85 -22.14 -4.78
C VAL B 78 -21.56 -23.45 -4.46
N ASN B 79 -22.28 -23.96 -5.43
CA ASN B 79 -23.12 -25.11 -5.20
C ASN B 79 -22.25 -26.35 -5.02
N ALA B 80 -21.17 -26.45 -5.80
CA ALA B 80 -20.24 -27.56 -5.64
C ALA B 80 -19.59 -27.57 -4.26
N ILE B 81 -19.28 -26.39 -3.73
CA ILE B 81 -18.61 -26.31 -2.43
C ILE B 81 -19.57 -26.70 -1.31
N THR B 82 -20.78 -26.17 -1.33
CA THR B 82 -21.67 -26.28 -0.17
C THR B 82 -22.44 -27.59 -0.14
N GLN B 83 -22.26 -28.44 -1.14
CA GLN B 83 -23.07 -29.65 -1.26
CA GLN B 83 -23.08 -29.64 -1.27
C GLN B 83 -23.05 -30.49 0.01
N LYS B 84 -21.87 -30.70 0.60
CA LYS B 84 -21.72 -31.62 1.71
CA LYS B 84 -21.74 -31.63 1.71
C LYS B 84 -21.36 -30.95 3.03
N GLY B 85 -21.67 -29.66 3.18
CA GLY B 85 -21.48 -28.99 4.45
C GLY B 85 -20.37 -27.98 4.51
N ALA B 86 -19.53 -27.90 3.49
CA ALA B 86 -18.48 -26.89 3.48
C ALA B 86 -19.07 -25.52 3.16
N TYR B 87 -18.39 -24.47 3.61
CA TYR B 87 -18.84 -23.10 3.39
C TYR B 87 -18.15 -22.49 2.18
N ALA B 88 -18.87 -21.64 1.45
CA ALA B 88 -18.37 -20.96 0.26
C ALA B 88 -18.41 -19.46 0.49
N VAL B 89 -17.25 -18.82 0.43
CA VAL B 89 -17.17 -17.38 0.63
C VAL B 89 -17.24 -16.70 -0.72
N VAL B 90 -18.25 -15.88 -0.92
CA VAL B 90 -18.46 -15.13 -2.15
C VAL B 90 -17.69 -13.81 -2.02
N ASP B 91 -16.56 -13.71 -2.74
CA ASP B 91 -15.61 -12.62 -2.57
C ASP B 91 -15.50 -11.73 -3.81
N PRO B 92 -16.19 -10.58 -3.85
CA PRO B 92 -15.96 -9.60 -4.91
C PRO B 92 -14.57 -9.05 -4.67
N HIS B 93 -13.61 -9.53 -5.44
CA HIS B 93 -12.19 -9.31 -5.18
C HIS B 93 -11.74 -7.96 -5.75
N ASN B 94 -12.30 -6.89 -5.19
CA ASN B 94 -12.28 -5.60 -5.88
C ASN B 94 -11.59 -4.43 -5.20
N TYR B 95 -11.02 -4.60 -4.01
CA TYR B 95 -10.16 -3.56 -3.44
C TYR B 95 -10.90 -2.24 -3.21
N GLY B 96 -12.22 -2.34 -2.98
CA GLY B 96 -13.03 -1.15 -2.82
C GLY B 96 -13.16 -0.31 -4.07
N ARG B 97 -12.86 -0.89 -5.24
CA ARG B 97 -12.88 -0.16 -6.50
C ARG B 97 -13.70 -0.90 -7.54
N TYR B 98 -14.28 -0.13 -8.43
CA TYR B 98 -15.11 -0.68 -9.49
C TYR B 98 -14.71 0.07 -10.76
N TYR B 99 -14.26 -0.68 -11.76
CA TYR B 99 -13.61 -0.11 -12.95
C TYR B 99 -12.49 0.86 -12.55
N ASN B 100 -11.70 0.47 -11.57
CA ASN B 100 -10.50 1.21 -11.17
C ASN B 100 -10.78 2.53 -10.46
N SER B 101 -12.02 2.79 -10.08
CA SER B 101 -12.36 3.98 -9.32
C SER B 101 -12.88 3.54 -7.97
N ILE B 102 -12.46 4.24 -6.91
CA ILE B 102 -12.96 3.98 -5.57
C ILE B 102 -14.49 4.04 -5.56
N ILE B 103 -15.11 3.03 -4.95
CA ILE B 103 -16.56 2.99 -4.81
C ILE B 103 -17.00 4.04 -3.80
N SER B 104 -17.57 5.15 -4.28
CA SER B 104 -17.90 6.26 -3.39
C SER B 104 -19.38 6.30 -3.02
N SER B 105 -20.20 5.40 -3.57
CA SER B 105 -21.63 5.41 -3.31
C SER B 105 -22.04 4.18 -2.50
N PRO B 106 -22.24 4.31 -1.19
CA PRO B 106 -22.76 3.15 -0.44
C PRO B 106 -24.10 2.67 -0.97
N SER B 107 -24.96 3.56 -1.46
CA SER B 107 -26.24 3.11 -1.98
CA SER B 107 -26.24 3.15 -2.01
C SER B 107 -26.08 2.24 -3.23
N ASP B 108 -25.18 2.61 -4.15
CA ASP B 108 -24.95 1.75 -5.31
C ASP B 108 -24.41 0.40 -4.87
N PHE B 109 -23.50 0.40 -3.90
CA PHE B 109 -22.89 -0.82 -3.40
C PHE B 109 -23.94 -1.68 -2.71
N GLN B 110 -24.86 -1.05 -1.97
CA GLN B 110 -25.95 -1.79 -1.36
C GLN B 110 -26.82 -2.48 -2.40
N THR B 111 -27.10 -1.81 -3.53
CA THR B 111 -27.88 -2.45 -4.59
C THR B 111 -27.13 -3.65 -5.17
N PHE B 112 -25.82 -3.47 -5.45
CA PHE B 112 -25.01 -4.58 -5.90
C PHE B 112 -25.15 -5.76 -4.94
N TRP B 113 -25.06 -5.47 -3.64
CA TRP B 113 -25.08 -6.55 -2.67
C TRP B 113 -26.45 -7.20 -2.55
N LYS B 114 -27.54 -6.42 -2.71
CA LYS B 114 -28.84 -7.08 -2.75
C LYS B 114 -28.95 -7.98 -3.95
N THR B 115 -28.41 -7.56 -5.09
CA THR B 115 -28.41 -8.39 -6.30
C THR B 115 -27.70 -9.71 -6.07
N VAL B 116 -26.52 -9.66 -5.44
CA VAL B 116 -25.77 -10.88 -5.20
C VAL B 116 -26.44 -11.74 -4.14
N ALA B 117 -26.82 -11.13 -3.01
CA ALA B 117 -27.41 -11.89 -1.91
C ALA B 117 -28.71 -12.58 -2.34
N SER B 118 -29.47 -11.97 -3.24
CA SER B 118 -30.69 -12.59 -3.72
C SER B 118 -30.44 -13.92 -4.40
N GLN B 119 -29.25 -14.12 -4.95
CA GLN B 119 -28.95 -15.38 -5.62
C GLN B 119 -28.61 -16.49 -4.64
N PHE B 120 -28.34 -16.16 -3.38
CA PHE B 120 -27.86 -17.14 -2.42
C PHE B 120 -28.61 -17.10 -1.11
N ALA B 121 -29.74 -16.40 -1.03
CA ALA B 121 -30.35 -16.08 0.24
C ALA B 121 -30.80 -17.33 0.99
N SER B 122 -31.10 -18.41 0.28
CA SER B 122 -31.58 -19.62 0.91
CA SER B 122 -31.58 -19.63 0.90
C SER B 122 -30.46 -20.56 1.35
N ASN B 123 -29.20 -20.23 1.04
CA ASN B 123 -28.12 -21.16 1.30
C ASN B 123 -27.36 -20.73 2.54
N PRO B 124 -27.55 -21.40 3.68
CA PRO B 124 -26.88 -20.97 4.92
C PRO B 124 -25.39 -21.22 4.93
N LEU B 125 -24.88 -21.93 3.94
CA LEU B 125 -23.45 -22.22 3.88
C LEU B 125 -22.68 -21.23 3.01
N VAL B 126 -23.38 -20.26 2.43
CA VAL B 126 -22.72 -19.16 1.73
C VAL B 126 -22.31 -18.12 2.76
N ILE B 127 -21.09 -17.61 2.61
CA ILE B 127 -20.59 -16.49 3.39
C ILE B 127 -20.36 -15.33 2.45
N PHE B 128 -20.87 -14.16 2.79
CA PHE B 128 -20.74 -12.99 1.94
C PHE B 128 -19.57 -12.16 2.43
N ASP B 129 -18.65 -11.83 1.53
CA ASP B 129 -17.43 -11.08 1.85
C ASP B 129 -17.57 -9.72 1.17
N THR B 130 -17.67 -8.64 1.96
CA THR B 130 -18.12 -7.37 1.40
C THR B 130 -17.23 -6.89 0.25
N ASN B 131 -15.92 -7.00 0.38
CA ASN B 131 -14.99 -6.68 -0.70
C ASN B 131 -13.60 -7.05 -0.23
N ASN B 132 -12.75 -7.45 -1.16
CA ASN B 132 -11.41 -7.89 -0.81
C ASN B 132 -10.50 -6.69 -0.68
N GLU B 133 -9.86 -6.55 0.48
CA GLU B 133 -8.71 -5.66 0.67
C GLU B 133 -8.96 -4.21 0.25
N TYR B 134 -9.93 -3.57 0.91
CA TYR B 134 -10.04 -2.13 0.81
C TYR B 134 -8.67 -1.53 1.16
N HIS B 135 -8.26 -0.51 0.41
CA HIS B 135 -6.98 0.12 0.71
C HIS B 135 -6.97 1.52 0.09
N ASP B 136 -6.12 2.37 0.67
CA ASP B 136 -5.83 3.69 0.12
C ASP B 136 -7.11 4.42 -0.28
N MET B 137 -8.03 4.55 0.68
CA MET B 137 -9.29 5.26 0.48
C MET B 137 -9.73 5.74 1.85
N ASP B 138 -10.79 6.56 1.84
CA ASP B 138 -11.27 7.18 3.07
C ASP B 138 -11.76 6.15 4.08
N GLN B 139 -11.35 6.33 5.35
CA GLN B 139 -11.66 5.35 6.38
C GLN B 139 -13.14 5.32 6.72
N THR B 140 -13.80 6.47 6.75
CA THR B 140 -15.24 6.46 6.99
C THR B 140 -15.99 5.77 5.85
N LEU B 141 -15.53 5.99 4.61
CA LEU B 141 -16.13 5.32 3.46
C LEU B 141 -16.05 3.80 3.61
N VAL B 142 -14.91 3.29 4.05
CA VAL B 142 -14.76 1.84 4.21
C VAL B 142 -15.80 1.30 5.18
N LEU B 143 -15.97 1.98 6.32
CA LEU B 143 -17.02 1.61 7.26
C LEU B 143 -18.38 1.63 6.58
N ASN B 144 -18.68 2.71 5.86
CA ASN B 144 -20.00 2.87 5.23
C ASN B 144 -20.23 1.84 4.14
N LEU B 145 -19.20 1.46 3.39
CA LEU B 145 -19.40 0.45 2.35
C LEU B 145 -19.69 -0.91 2.97
N ASN B 146 -18.96 -1.26 4.04
CA ASN B 146 -19.24 -2.49 4.75
C ASN B 146 -20.67 -2.50 5.27
N GLN B 147 -21.11 -1.39 5.88
CA GLN B 147 -22.47 -1.35 6.39
C GLN B 147 -23.49 -1.46 5.27
N ALA B 148 -23.22 -0.80 4.13
CA ALA B 148 -24.13 -0.87 3.00
C ALA B 148 -24.25 -2.28 2.47
N ALA B 149 -23.14 -3.01 2.45
CA ALA B 149 -23.18 -4.40 2.04
C ALA B 149 -24.03 -5.23 2.99
N ILE B 150 -23.79 -5.10 4.29
CA ILE B 150 -24.62 -5.81 5.26
C ILE B 150 -26.08 -5.50 5.03
N ASP B 151 -26.41 -4.22 4.88
CA ASP B 151 -27.80 -3.81 4.72
C ASP B 151 -28.42 -4.43 3.47
N GLY B 152 -27.69 -4.44 2.35
CA GLY B 152 -28.23 -5.05 1.14
C GLY B 152 -28.41 -6.55 1.28
N ILE B 153 -27.45 -7.22 1.89
CA ILE B 153 -27.53 -8.65 2.10
C ILE B 153 -28.74 -8.99 2.96
N ARG B 154 -28.88 -8.33 4.10
CA ARG B 154 -30.02 -8.64 4.95
C ARG B 154 -31.34 -8.24 4.30
N SER B 155 -31.34 -7.18 3.48
CA SER B 155 -32.59 -6.76 2.81
C SER B 155 -33.09 -7.82 1.85
N ALA B 156 -32.22 -8.66 1.34
CA ALA B 156 -32.59 -9.73 0.41
C ALA B 156 -33.15 -10.97 1.10
N GLY B 157 -33.24 -10.94 2.43
CA GLY B 157 -33.63 -12.11 3.17
C GLY B 157 -32.53 -13.11 3.41
N ALA B 158 -31.28 -12.75 3.09
CA ALA B 158 -30.14 -13.61 3.37
C ALA B 158 -29.73 -13.30 4.81
N THR B 159 -30.41 -13.95 5.76
CA THR B 159 -30.22 -13.64 7.17
C THR B 159 -29.50 -14.73 7.96
N SER B 160 -29.38 -15.92 7.41
CA SER B 160 -28.71 -17.02 8.10
C SER B 160 -27.20 -16.95 7.95
N GLN B 161 -26.71 -16.20 6.96
CA GLN B 161 -25.32 -16.31 6.52
C GLN B 161 -24.41 -15.39 7.33
N TYR B 162 -23.20 -15.86 7.58
CA TYR B 162 -22.17 -14.98 8.09
C TYR B 162 -21.76 -13.96 7.03
N ILE B 163 -21.34 -12.79 7.48
CA ILE B 163 -20.83 -11.76 6.59
C ILE B 163 -19.41 -11.46 7.04
N PHE B 164 -18.46 -11.64 6.13
CA PHE B 164 -17.08 -11.27 6.37
C PHE B 164 -16.91 -9.81 5.96
N VAL B 165 -16.60 -8.94 6.93
CA VAL B 165 -16.32 -7.55 6.65
C VAL B 165 -14.80 -7.41 6.55
N GLU B 166 -14.35 -6.46 5.73
CA GLU B 166 -12.91 -6.24 5.57
C GLU B 166 -12.62 -4.77 5.81
N GLY B 167 -11.43 -4.51 6.35
CA GLY B 167 -11.03 -3.17 6.71
C GLY B 167 -10.09 -2.58 5.67
N ASN B 168 -9.69 -1.35 5.94
CA ASN B 168 -8.70 -0.64 5.13
C ASN B 168 -7.31 -1.25 5.34
N SER B 169 -6.32 -0.65 4.68
CA SER B 169 -4.94 -1.15 4.73
C SER B 169 -4.86 -2.60 4.27
N TRP B 170 -5.57 -2.90 3.19
CA TRP B 170 -5.58 -4.25 2.62
C TRP B 170 -6.09 -5.28 3.62
N THR B 171 -6.95 -4.80 4.53
CA THR B 171 -7.52 -5.59 5.65
C THR B 171 -6.42 -6.35 6.39
N GLY B 172 -5.22 -5.77 6.47
CA GLY B 172 -4.12 -6.43 7.13
C GLY B 172 -4.37 -6.54 8.63
N ALA B 173 -4.02 -7.70 9.20
CA ALA B 173 -4.09 -7.83 10.65
C ALA B 173 -3.06 -6.92 11.34
N TRP B 174 -1.85 -6.88 10.81
CA TRP B 174 -0.77 -6.14 11.47
C TRP B 174 -1.02 -4.64 11.52
N THR B 175 -1.80 -4.11 10.59
CA THR B 175 -2.13 -2.69 10.52
C THR B 175 -3.50 -2.38 11.10
N TRP B 176 -4.22 -3.38 11.61
CA TRP B 176 -5.64 -3.19 11.92
C TRP B 176 -5.85 -2.09 12.96
N THR B 177 -5.18 -2.18 14.10
CA THR B 177 -5.45 -1.23 15.17
C THR B 177 -5.02 0.17 14.79
N ASN B 178 -4.07 0.28 13.86
CA ASN B 178 -3.59 1.59 13.49
C ASN B 178 -4.59 2.38 12.67
N VAL B 179 -5.48 1.72 11.92
CA VAL B 179 -6.36 2.45 11.01
C VAL B 179 -7.84 2.08 11.12
N ASN B 180 -8.16 0.86 11.57
CA ASN B 180 -9.51 0.31 11.41
C ASN B 180 -10.37 0.33 12.66
N ASP B 181 -10.02 1.14 13.65
CA ASP B 181 -10.83 1.16 14.86
C ASP B 181 -12.31 1.43 14.56
N ASN B 182 -12.61 2.29 13.59
CA ASN B 182 -14.00 2.65 13.36
C ASN B 182 -14.85 1.48 12.90
N MET B 183 -14.23 0.40 12.43
CA MET B 183 -14.95 -0.79 12.00
C MET B 183 -15.69 -1.47 13.14
N LYS B 184 -15.38 -1.13 14.40
CA LYS B 184 -16.05 -1.76 15.53
CA LYS B 184 -16.05 -1.76 15.52
C LYS B 184 -17.54 -1.45 15.57
N SER B 185 -17.99 -0.40 14.90
CA SER B 185 -19.36 0.04 15.06
C SER B 185 -20.33 -0.57 14.05
N LEU B 186 -19.87 -1.47 13.18
CA LEU B 186 -20.76 -2.12 12.21
C LEU B 186 -21.88 -2.86 12.91
N THR B 187 -23.09 -2.75 12.34
CA THR B 187 -24.29 -3.37 12.90
C THR B 187 -24.83 -4.44 11.97
N ASP B 188 -25.51 -5.43 12.55
CA ASP B 188 -26.06 -6.54 11.79
C ASP B 188 -27.17 -7.18 12.60
N PRO B 189 -28.40 -7.14 12.12
CA PRO B 189 -29.51 -7.72 12.89
C PRO B 189 -29.37 -9.22 13.09
N SER B 190 -28.61 -9.92 12.24
CA SER B 190 -28.33 -11.33 12.42
C SER B 190 -27.22 -11.60 13.42
N ASP B 191 -26.44 -10.58 13.80
CA ASP B 191 -25.29 -10.74 14.70
C ASP B 191 -24.32 -11.80 14.19
N LYS B 192 -24.01 -11.73 12.89
CA LYS B 192 -23.13 -12.70 12.23
C LYS B 192 -22.02 -12.01 11.44
N ILE B 193 -21.52 -10.88 11.95
CA ILE B 193 -20.34 -10.23 11.37
C ILE B 193 -19.08 -10.97 11.83
N ILE B 194 -18.22 -11.33 10.89
CA ILE B 194 -16.86 -11.79 11.21
C ILE B 194 -15.90 -10.80 10.58
N TYR B 195 -14.91 -10.34 11.35
CA TYR B 195 -13.92 -9.42 10.83
C TYR B 195 -12.83 -10.21 10.13
N GLU B 196 -12.80 -10.12 8.80
CA GLU B 196 -11.82 -10.85 8.01
C GLU B 196 -10.57 -10.00 7.83
N MET B 197 -9.44 -10.52 8.29
CA MET B 197 -8.14 -9.87 8.22
C MET B 197 -7.26 -10.76 7.33
N HIS B 198 -6.27 -10.16 6.68
CA HIS B 198 -5.31 -10.92 5.88
C HIS B 198 -3.94 -10.74 6.50
N GLN B 199 -3.07 -11.75 6.40
CA GLN B 199 -1.73 -11.56 6.94
C GLN B 199 -0.73 -12.36 6.10
N PHE B 200 0.18 -11.63 5.47
CA PHE B 200 1.32 -12.25 4.82
C PHE B 200 2.56 -12.02 5.67
N LEU B 201 3.61 -12.75 5.34
CA LEU B 201 4.71 -12.98 6.27
C LEU B 201 6.05 -12.48 5.74
N ASP B 202 6.06 -11.90 4.55
CA ASP B 202 7.26 -11.34 3.94
C ASP B 202 7.48 -9.91 4.42
N SER B 203 8.60 -9.31 4.01
CA SER B 203 9.07 -8.09 4.66
C SER B 203 7.98 -7.02 4.71
N ASP B 204 7.31 -6.77 3.58
CA ASP B 204 6.33 -5.70 3.52
C ASP B 204 4.88 -6.19 3.65
N GLY B 205 4.67 -7.45 4.03
CA GLY B 205 3.34 -8.00 4.15
C GLY B 205 2.56 -8.08 2.86
N SER B 206 3.21 -7.97 1.70
CA SER B 206 2.51 -8.01 0.42
C SER B 206 2.24 -9.43 -0.05
N GLY B 207 2.88 -10.43 0.52
CA GLY B 207 2.65 -11.78 0.06
C GLY B 207 3.18 -12.01 -1.34
N THR B 208 4.30 -11.40 -1.68
CA THR B 208 4.91 -11.61 -2.98
C THR B 208 6.25 -12.33 -2.93
N SER B 209 6.86 -12.46 -1.76
CA SER B 209 8.10 -13.21 -1.59
C SER B 209 7.85 -14.45 -0.75
N ALA B 210 8.53 -15.54 -1.12
CA ALA B 210 8.50 -16.78 -0.34
C ALA B 210 9.28 -16.70 0.95
N THR B 211 10.07 -15.64 1.14
CA THR B 211 10.88 -15.49 2.35
CA THR B 211 10.87 -15.50 2.35
C THR B 211 10.05 -14.84 3.44
N CYS B 212 10.08 -15.41 4.63
CA CYS B 212 9.40 -14.81 5.77
C CYS B 212 10.43 -14.07 6.60
N VAL B 213 9.98 -13.00 7.26
CA VAL B 213 10.88 -12.15 8.04
C VAL B 213 11.58 -12.95 9.14
N SER B 214 10.83 -13.80 9.84
CA SER B 214 11.36 -14.49 11.01
C SER B 214 10.44 -15.65 11.32
N SER B 215 10.87 -16.49 12.25
CA SER B 215 10.11 -17.67 12.63
C SER B 215 8.89 -17.34 13.47
N THR B 216 8.74 -16.08 13.90
CA THR B 216 7.63 -15.65 14.75
C THR B 216 6.79 -14.56 14.12
N ILE B 217 7.04 -14.24 12.84
CA ILE B 217 6.49 -13.01 12.27
C ILE B 217 4.97 -13.09 12.16
N GLY B 218 4.42 -14.28 11.96
CA GLY B 218 2.96 -14.39 11.86
C GLY B 218 2.28 -14.11 13.18
N GLN B 219 2.70 -14.82 14.24
CA GLN B 219 2.19 -14.55 15.57
CA GLN B 219 2.21 -14.55 15.59
C GLN B 219 2.31 -13.07 15.91
N GLU B 220 3.48 -12.49 15.68
CA GLU B 220 3.71 -11.09 16.00
C GLU B 220 2.70 -10.20 15.29
N ARG B 221 2.47 -10.46 13.99
CA ARG B 221 1.68 -9.57 13.18
C ARG B 221 0.18 -9.69 13.46
N ILE B 222 -0.24 -10.68 14.25
CA ILE B 222 -1.65 -10.80 14.60
C ILE B 222 -1.93 -10.52 16.07
N THR B 223 -0.92 -10.14 16.87
CA THR B 223 -1.15 -10.00 18.31
CA THR B 223 -1.16 -10.00 18.30
C THR B 223 -2.09 -8.84 18.62
N SER B 224 -1.80 -7.66 18.07
CA SER B 224 -2.64 -6.52 18.45
C SER B 224 -4.03 -6.67 17.86
N ALA B 225 -4.13 -7.30 16.69
CA ALA B 225 -5.45 -7.52 16.12
C ALA B 225 -6.26 -8.47 16.99
N THR B 226 -5.61 -9.49 17.55
CA THR B 226 -6.28 -10.42 18.46
C THR B 226 -6.83 -9.66 19.66
N GLN B 227 -6.00 -8.77 20.23
CA GLN B 227 -6.42 -7.98 21.38
CA GLN B 227 -6.44 -8.01 21.39
C GLN B 227 -7.57 -7.04 21.02
N TRP B 228 -7.53 -6.49 19.81
CA TRP B 228 -8.60 -5.60 19.36
C TRP B 228 -9.92 -6.33 19.26
N LEU B 229 -9.91 -7.53 18.68
CA LEU B 229 -11.13 -8.31 18.59
C LEU B 229 -11.68 -8.61 19.97
N ARG B 230 -10.82 -9.02 20.90
CA ARG B 230 -11.29 -9.37 22.24
C ARG B 230 -11.84 -8.16 22.98
N ALA B 231 -11.15 -7.03 22.89
CA ALA B 231 -11.57 -5.84 23.64
C ALA B 231 -12.88 -5.28 23.11
N ASN B 232 -13.16 -5.52 21.85
CA ASN B 232 -14.37 -5.00 21.21
C ASN B 232 -15.46 -6.05 21.10
N GLY B 233 -15.24 -7.24 21.67
CA GLY B 233 -16.24 -8.29 21.64
C GLY B 233 -16.55 -8.83 20.26
N LYS B 234 -15.56 -8.87 19.37
CA LYS B 234 -15.78 -9.26 17.99
C LYS B 234 -15.14 -10.61 17.69
N LYS B 235 -15.55 -11.20 16.56
CA LYS B 235 -14.94 -12.42 16.06
C LYS B 235 -14.21 -12.09 14.77
N GLY B 236 -13.11 -12.80 14.53
CA GLY B 236 -12.31 -12.59 13.34
C GLY B 236 -12.04 -13.89 12.61
N ILE B 237 -11.56 -13.74 11.37
CA ILE B 237 -11.03 -14.84 10.59
C ILE B 237 -9.85 -14.33 9.79
N ILE B 238 -8.84 -15.17 9.60
CA ILE B 238 -7.76 -14.82 8.70
C ILE B 238 -8.18 -15.33 7.32
N GLY B 239 -8.59 -14.41 6.44
CA GLY B 239 -9.15 -14.82 5.17
C GLY B 239 -8.14 -15.07 4.08
N GLU B 240 -6.89 -14.64 4.28
CA GLU B 240 -5.76 -14.96 3.40
C GLU B 240 -4.52 -14.97 4.27
N PHE B 241 -3.71 -16.01 4.12
CA PHE B 241 -2.37 -16.04 4.68
C PHE B 241 -1.56 -17.02 3.85
N ALA B 242 -0.24 -16.84 3.89
CA ALA B 242 0.64 -17.74 3.15
C ALA B 242 2.05 -17.50 3.65
N GLY B 243 2.89 -18.52 3.46
CA GLY B 243 4.34 -18.36 3.58
C GLY B 243 4.98 -19.34 2.63
N GLY B 244 6.27 -19.11 2.34
CA GLY B 244 6.96 -20.00 1.44
C GLY B 244 7.25 -21.35 2.05
N ALA B 245 7.54 -22.33 1.19
CA ALA B 245 7.88 -23.68 1.66
C ALA B 245 9.36 -23.71 2.06
N ASN B 246 9.62 -23.25 3.29
CA ASN B 246 10.97 -23.21 3.84
C ASN B 246 10.86 -23.24 5.35
N ASP B 247 11.98 -23.54 6.01
CA ASP B 247 11.96 -23.84 7.45
C ASP B 247 11.42 -22.67 8.27
N VAL B 248 11.92 -21.46 8.00
CA VAL B 248 11.50 -20.28 8.76
C VAL B 248 10.00 -20.03 8.60
N CYS B 249 9.52 -20.05 7.36
CA CYS B 249 8.09 -19.77 7.15
C CYS B 249 7.24 -20.85 7.79
N GLU B 250 7.69 -22.10 7.76
CA GLU B 250 6.89 -23.17 8.35
C GLU B 250 6.78 -23.02 9.85
N THR B 251 7.87 -22.64 10.52
CA THR B 251 7.78 -22.33 11.94
C THR B 251 6.85 -21.15 12.18
N ALA B 252 6.91 -20.14 11.31
CA ALA B 252 6.05 -18.96 11.47
C ALA B 252 4.58 -19.31 11.28
N ILE B 253 4.26 -20.12 10.27
CA ILE B 253 2.86 -20.52 10.03
C ILE B 253 2.33 -21.31 11.22
N THR B 254 3.07 -22.35 11.62
CA THR B 254 2.69 -23.15 12.77
CA THR B 254 2.67 -23.15 12.77
C THR B 254 2.52 -22.29 14.02
N GLY B 255 3.48 -21.39 14.28
CA GLY B 255 3.37 -20.56 15.46
C GLY B 255 2.16 -19.64 15.43
N MET B 256 1.87 -19.04 14.27
CA MET B 256 0.67 -18.23 14.13
C MET B 256 -0.60 -19.02 14.39
N LEU B 257 -0.72 -20.18 13.73
CA LEU B 257 -1.94 -20.97 13.87
C LEU B 257 -2.07 -21.52 15.29
N ASP B 258 -0.95 -21.95 15.90
CA ASP B 258 -1.00 -22.40 17.28
C ASP B 258 -1.48 -21.28 18.19
N TYR B 259 -1.04 -20.04 17.91
CA TYR B 259 -1.50 -18.91 18.70
C TYR B 259 -2.99 -18.68 18.50
N MET B 260 -3.43 -18.74 17.26
CA MET B 260 -4.84 -18.53 16.96
C MET B 260 -5.68 -19.61 17.65
N ALA B 261 -5.15 -20.84 17.70
CA ALA B 261 -5.83 -21.97 18.34
C ALA B 261 -5.98 -21.80 19.85
N GLN B 262 -5.13 -21.00 20.48
CA GLN B 262 -5.30 -20.68 21.90
CA GLN B 262 -5.30 -20.69 21.90
C GLN B 262 -6.09 -19.41 22.10
N ASN B 263 -6.65 -18.85 21.04
CA ASN B 263 -7.42 -17.62 21.09
C ASN B 263 -8.67 -17.76 20.25
N THR B 264 -9.32 -18.93 20.34
CA THR B 264 -10.53 -19.16 19.56
C THR B 264 -11.73 -18.42 20.11
N ASP B 265 -11.60 -17.73 21.25
CA ASP B 265 -12.68 -16.85 21.66
C ASP B 265 -12.87 -15.73 20.66
N VAL B 266 -11.82 -15.38 19.90
CA VAL B 266 -11.96 -14.39 18.84
C VAL B 266 -11.69 -14.94 17.46
N TRP B 267 -10.80 -15.92 17.31
CA TRP B 267 -10.44 -16.42 15.98
C TRP B 267 -11.30 -17.61 15.57
N THR B 268 -12.05 -17.42 14.48
CA THR B 268 -12.86 -18.49 13.94
C THR B 268 -12.12 -19.37 12.94
N GLY B 269 -10.88 -19.03 12.58
CA GLY B 269 -10.14 -19.89 11.68
C GLY B 269 -9.33 -19.11 10.68
N ALA B 270 -8.98 -19.80 9.59
CA ALA B 270 -7.99 -19.26 8.68
C ALA B 270 -8.17 -19.89 7.31
N ILE B 271 -7.77 -19.13 6.29
CA ILE B 271 -7.98 -19.51 4.89
C ILE B 271 -6.69 -19.25 4.13
N TRP B 272 -6.08 -20.30 3.60
CA TRP B 272 -4.82 -20.15 2.90
C TRP B 272 -5.02 -19.44 1.57
N TRP B 273 -4.03 -18.65 1.17
CA TRP B 273 -3.95 -18.11 -0.19
C TRP B 273 -2.78 -18.78 -0.90
N ALA B 274 -3.05 -19.57 -1.97
CA ALA B 274 -4.36 -19.90 -2.54
C ALA B 274 -4.26 -21.21 -3.29
N ALA B 275 -5.41 -21.87 -3.44
CA ALA B 275 -5.57 -22.91 -4.44
C ALA B 275 -6.24 -22.32 -5.68
N GLY B 276 -6.53 -23.17 -6.65
CA GLY B 276 -7.06 -22.74 -7.92
C GLY B 276 -6.30 -23.45 -9.03
N PRO B 277 -6.88 -23.53 -10.22
CA PRO B 277 -6.32 -24.40 -11.26
C PRO B 277 -5.24 -23.78 -12.13
N TRP B 278 -4.97 -22.47 -12.01
CA TRP B 278 -4.09 -21.75 -12.92
C TRP B 278 -2.88 -21.15 -12.21
N TRP B 279 -2.45 -21.76 -11.11
CA TRP B 279 -1.34 -21.24 -10.35
C TRP B 279 0.00 -21.79 -10.82
N GLY B 280 0.02 -22.96 -11.45
CA GLY B 280 1.30 -23.49 -11.89
C GLY B 280 2.28 -23.64 -10.75
N ASP B 281 3.49 -23.09 -10.94
CA ASP B 281 4.57 -23.20 -9.97
C ASP B 281 4.54 -22.12 -8.89
N TYR B 282 3.38 -21.49 -8.69
CA TYR B 282 3.23 -20.45 -7.68
C TYR B 282 3.75 -20.89 -6.32
N ILE B 283 4.51 -20.00 -5.68
CA ILE B 283 5.15 -20.33 -4.41
C ILE B 283 4.16 -20.71 -3.32
N PHE B 284 2.90 -20.28 -3.44
CA PHE B 284 1.89 -20.57 -2.42
C PHE B 284 0.78 -21.50 -2.89
N SER B 285 0.96 -22.21 -4.00
CA SER B 285 -0.15 -22.94 -4.59
C SER B 285 -0.59 -24.10 -3.71
N MET B 286 -1.84 -24.07 -3.28
CA MET B 286 -2.43 -25.13 -2.49
C MET B 286 -3.22 -26.09 -3.35
N GLU B 287 -3.08 -25.97 -4.68
CA GLU B 287 -3.87 -26.79 -5.60
C GLU B 287 -3.40 -28.23 -5.65
N PRO B 288 -4.27 -29.22 -5.36
CA PRO B 288 -3.90 -30.62 -5.61
C PRO B 288 -3.67 -30.81 -7.09
N ASP B 289 -2.73 -31.71 -7.44
CA ASP B 289 -2.07 -32.60 -6.49
C ASP B 289 -0.61 -32.21 -6.31
N ASN B 290 -0.16 -31.18 -7.04
CA ASN B 290 1.26 -30.85 -7.11
C ASN B 290 1.61 -29.42 -6.75
N GLY B 291 0.68 -28.65 -6.20
CA GLY B 291 1.04 -27.32 -5.72
C GLY B 291 2.08 -27.39 -4.63
N ILE B 292 3.00 -26.41 -4.65
CA ILE B 292 4.10 -26.36 -3.71
C ILE B 292 3.57 -26.37 -2.27
N ALA B 293 2.54 -25.57 -2.00
CA ALA B 293 2.01 -25.53 -0.64
C ALA B 293 1.16 -26.77 -0.35
N TYR B 294 0.49 -27.29 -1.36
CA TYR B 294 -0.23 -28.55 -1.19
C TYR B 294 0.70 -29.65 -0.72
N GLN B 295 1.92 -29.71 -1.30
CA GLN B 295 2.85 -30.76 -0.93
C GLN B 295 3.60 -30.48 0.36
N GLN B 296 4.07 -29.25 0.56
CA GLN B 296 4.97 -28.96 1.68
CA GLN B 296 4.95 -28.97 1.67
C GLN B 296 4.29 -28.26 2.85
N ILE B 297 3.24 -27.48 2.60
CA ILE B 297 2.59 -26.74 3.68
C ILE B 297 1.40 -27.51 4.25
N LEU B 298 0.55 -28.07 3.39
CA LEU B 298 -0.62 -28.78 3.90
C LEU B 298 -0.30 -29.79 4.99
N PRO B 299 0.78 -30.57 4.92
CA PRO B 299 1.08 -31.48 6.04
C PRO B 299 1.27 -30.76 7.37
N ILE B 300 1.63 -29.47 7.36
CA ILE B 300 1.71 -28.68 8.60
C ILE B 300 0.37 -28.02 8.96
N LEU B 301 -0.64 -28.13 8.10
CA LEU B 301 -1.96 -27.57 8.38
C LEU B 301 -2.93 -28.63 8.90
N THR B 302 -2.77 -29.89 8.49
CA THR B 302 -3.62 -31.00 8.89
C THR B 302 -3.79 -31.14 10.40
N PRO B 303 -2.81 -30.80 11.25
CA PRO B 303 -3.08 -30.79 12.70
C PRO B 303 -4.20 -29.87 13.15
N TYR B 304 -4.62 -28.92 12.32
CA TYR B 304 -5.77 -28.07 12.63
C TYR B 304 -7.07 -28.60 12.01
N LEU B 305 -6.99 -29.65 11.20
CA LEU B 305 -8.15 -30.14 10.45
C LEU B 305 -8.79 -31.36 11.10
#